data_6B5C
#
_entry.id   6B5C
#
_cell.length_a   40.100
_cell.length_b   61.190
_cell.length_c   117.620
_cell.angle_alpha   90.000
_cell.angle_beta   90.000
_cell.angle_gamma   90.000
#
_symmetry.space_group_name_H-M   'P 21 21 21'
#
loop_
_entity.id
_entity.type
_entity.pdbx_description
1 polymer 'Katanin p60 ATPase-containing subunit A-like 1'
2 non-polymer 'TETRAETHYLENE GLYCOL'
3 water water
#
_entity_poly.entity_id   1
_entity_poly.type   'polypeptide(L)'
_entity_poly.pdbx_seq_one_letter_code
;AGYDKDLVEALERDIVSRNPSIHWDDIADLEEAKKLLREAVVLPMWMPDFFKGIRRPWKGVLMVGPPGTGKTMLAKAVAT
ECGTTFFNVSSSTLTSKYRGESEKLVRLLFEMARFYAPTTIFIDQIDSICSRRGTSDEHEASRRVKSELLIQMDGVGGAL
ENDDPSKMVMVLAATNFPWDIDEALRRRLEKRIYIPLPTAKGRAELLKINLREVELDPDIQLEDIAEKIEGYSGADITNV
CRDASLMAMRRRINGLSPEEIRALSKEELQMPVTKGDFELALKKIAKSVSAADLEKYEKWMVEFGSA
;
_entity_poly.pdbx_strand_id   A
#
loop_
_chem_comp.id
_chem_comp.type
_chem_comp.name
_chem_comp.formula
PG4 non-polymer 'TETRAETHYLENE GLYCOL' 'C8 H18 O5'
#
# COMPACT_ATOMS: atom_id res chain seq x y z
N ALA A 1 -27.96 -12.81 -14.54
CA ALA A 1 -27.49 -11.60 -15.20
C ALA A 1 -28.37 -10.41 -14.84
N GLY A 2 -27.95 -9.21 -15.26
CA GLY A 2 -28.72 -8.00 -15.07
C GLY A 2 -27.93 -6.95 -14.29
N TYR A 3 -28.65 -6.23 -13.42
CA TYR A 3 -28.02 -5.14 -12.67
C TYR A 3 -27.07 -5.66 -11.61
N ASP A 4 -27.45 -6.72 -10.89
CA ASP A 4 -26.57 -7.28 -9.88
C ASP A 4 -25.29 -7.84 -10.51
N LYS A 5 -25.40 -8.39 -11.72
CA LYS A 5 -24.22 -8.93 -12.39
C LYS A 5 -23.24 -7.83 -12.78
N ASP A 6 -23.75 -6.75 -13.39
CA ASP A 6 -22.88 -5.65 -13.77
C ASP A 6 -22.32 -4.93 -12.56
N LEU A 7 -23.01 -5.00 -11.42
CA LEU A 7 -22.43 -4.51 -10.16
C LEU A 7 -21.19 -5.32 -9.80
N VAL A 8 -21.29 -6.65 -9.85
CA VAL A 8 -20.13 -7.49 -9.58
C VAL A 8 -19.00 -7.17 -10.55
N GLU A 9 -19.33 -6.93 -11.82
CA GLU A 9 -18.32 -6.64 -12.82
C GLU A 9 -17.69 -5.27 -12.59
N ALA A 10 -18.51 -4.27 -12.23
CA ALA A 10 -17.98 -2.93 -11.97
C ALA A 10 -17.00 -2.95 -10.79
N LEU A 11 -17.35 -3.67 -9.72
CA LEU A 11 -16.43 -3.79 -8.60
C LEU A 11 -15.19 -4.59 -8.99
N GLU A 12 -15.35 -5.59 -9.85
CA GLU A 12 -14.21 -6.38 -10.30
C GLU A 12 -13.16 -5.50 -10.96
N ARG A 13 -13.58 -4.61 -11.87
CA ARG A 13 -12.59 -3.77 -12.54
C ARG A 13 -11.91 -2.81 -11.57
N ASP A 14 -12.55 -2.48 -10.46
CA ASP A 14 -11.99 -1.51 -9.53
C ASP A 14 -11.04 -2.16 -8.52
N ILE A 15 -11.35 -3.38 -8.07
CA ILE A 15 -10.67 -3.93 -6.91
C ILE A 15 -9.60 -4.95 -7.28
N VAL A 16 -9.77 -5.67 -8.39
CA VAL A 16 -8.77 -6.66 -8.77
C VAL A 16 -7.59 -5.94 -9.42
N SER A 17 -6.40 -6.43 -9.16
CA SER A 17 -5.18 -5.73 -9.54
C SER A 17 -4.64 -6.22 -10.89
N ARG A 18 -3.88 -5.36 -11.54
CA ARG A 18 -3.24 -5.72 -12.81
C ARG A 18 -1.98 -6.55 -12.58
N ASN A 19 -1.23 -6.26 -11.52
CA ASN A 19 -0.03 -7.02 -11.16
C ASN A 19 -0.10 -7.36 -9.69
N PRO A 20 -0.90 -8.36 -9.31
CA PRO A 20 -1.06 -8.69 -7.88
C PRO A 20 0.03 -9.59 -7.33
N SER A 21 0.93 -10.10 -8.16
CA SER A 21 1.97 -11.04 -7.72
C SER A 21 3.21 -10.25 -7.31
N ILE A 22 3.36 -10.04 -6.01
CA ILE A 22 4.57 -9.47 -5.43
C ILE A 22 5.17 -10.50 -4.51
N HIS A 23 6.49 -10.70 -4.62
CA HIS A 23 7.20 -11.64 -3.76
C HIS A 23 7.96 -10.86 -2.69
N TRP A 24 8.18 -11.52 -1.54
CA TRP A 24 8.78 -10.83 -0.40
C TRP A 24 10.15 -10.26 -0.75
N ASP A 25 10.91 -10.97 -1.57
CA ASP A 25 12.25 -10.52 -1.95
C ASP A 25 12.23 -9.39 -2.99
N ASP A 26 11.06 -9.01 -3.50
CA ASP A 26 10.94 -7.84 -4.35
C ASP A 26 10.68 -6.58 -3.55
N ILE A 27 10.57 -6.68 -2.23
CA ILE A 27 10.28 -5.55 -1.35
C ILE A 27 11.51 -5.28 -0.51
N ALA A 28 11.97 -4.03 -0.52
CA ALA A 28 13.18 -3.67 0.20
C ALA A 28 12.89 -3.49 1.68
N ASP A 29 13.81 -3.97 2.52
CA ASP A 29 13.71 -3.82 3.97
C ASP A 29 12.40 -4.48 4.42
N LEU A 30 11.69 -3.86 5.37
CA LEU A 30 10.46 -4.38 5.98
C LEU A 30 10.63 -5.76 6.59
N GLU A 31 11.87 -6.13 6.95
CA GLU A 31 12.13 -7.45 7.51
C GLU A 31 11.27 -7.72 8.74
N GLU A 32 11.19 -6.74 9.65
CA GLU A 32 10.36 -6.92 10.83
C GLU A 32 8.88 -6.92 10.45
N ALA A 33 8.46 -6.03 9.54
CA ALA A 33 7.07 -6.02 9.12
C ALA A 33 6.69 -7.30 8.38
N LYS A 34 7.62 -7.84 7.58
CA LYS A 34 7.34 -9.09 6.88
C LYS A 34 7.15 -10.24 7.85
N LYS A 35 8.02 -10.33 8.85
CA LYS A 35 7.93 -11.41 9.84
C LYS A 35 6.62 -11.32 10.62
N LEU A 36 6.27 -10.13 11.09
CA LEU A 36 5.04 -9.98 11.85
C LEU A 36 3.81 -10.24 10.99
N LEU A 37 3.87 -9.91 9.71
CA LEU A 37 2.72 -10.15 8.84
C LEU A 37 2.56 -11.62 8.52
N ARG A 38 3.66 -12.32 8.23
CA ARG A 38 3.56 -13.74 7.91
C ARG A 38 3.09 -14.56 9.10
N GLU A 39 3.55 -14.22 10.30
CA GLU A 39 3.11 -14.95 11.48
C GLU A 39 1.62 -14.74 11.74
N ALA A 40 1.08 -13.60 11.34
CA ALA A 40 -0.32 -13.30 11.65
C ALA A 40 -1.28 -13.93 10.65
N VAL A 41 -0.86 -14.13 9.40
CA VAL A 41 -1.76 -14.57 8.35
C VAL A 41 -1.33 -15.88 7.68
N VAL A 42 -0.05 -16.24 7.72
CA VAL A 42 0.44 -17.44 7.05
C VAL A 42 0.64 -18.59 8.03
N LEU A 43 1.20 -18.30 9.21
CA LEU A 43 1.43 -19.36 10.18
C LEU A 43 0.15 -20.08 10.62
N PRO A 44 -1.00 -19.44 10.80
CA PRO A 44 -2.22 -20.20 11.10
C PRO A 44 -2.56 -21.24 10.06
N MET A 45 -2.28 -20.96 8.78
CA MET A 45 -2.50 -21.97 7.74
C MET A 45 -1.51 -23.12 7.88
N TRP A 46 -0.25 -22.81 8.18
CA TRP A 46 0.77 -23.84 8.28
C TRP A 46 0.58 -24.71 9.52
N MET A 47 0.19 -24.09 10.64
CA MET A 47 0.13 -24.77 11.93
C MET A 47 -1.28 -24.67 12.51
N PRO A 48 -2.24 -25.43 11.96
CA PRO A 48 -3.57 -25.45 12.57
C PRO A 48 -3.60 -26.17 13.91
N ASP A 49 -2.64 -27.08 14.15
CA ASP A 49 -2.58 -27.75 15.45
C ASP A 49 -2.22 -26.75 16.56
N PHE A 50 -1.34 -25.81 16.26
CA PHE A 50 -0.96 -24.80 17.25
C PHE A 50 -2.04 -23.73 17.41
N PHE A 51 -2.69 -23.34 16.32
CA PHE A 51 -3.64 -22.24 16.36
C PHE A 51 -5.08 -22.67 16.58
N LYS A 52 -5.32 -23.98 16.78
CA LYS A 52 -6.62 -24.45 17.22
C LYS A 52 -6.57 -25.13 18.60
N GLY A 53 -5.38 -25.37 19.13
CA GLY A 53 -5.26 -26.06 20.40
C GLY A 53 -4.36 -25.38 21.41
N ILE A 54 -3.59 -24.38 20.98
CA ILE A 54 -2.67 -23.71 21.89
C ILE A 54 -3.02 -22.22 21.99
N ARG A 55 -2.95 -21.52 20.87
CA ARG A 55 -3.13 -20.07 20.85
C ARG A 55 -3.96 -19.70 19.62
N ARG A 56 -5.09 -19.05 19.84
CA ARG A 56 -5.94 -18.65 18.73
C ARG A 56 -5.24 -17.57 17.90
N PRO A 57 -5.46 -17.54 16.59
CA PRO A 57 -4.86 -16.50 15.77
C PRO A 57 -5.55 -15.16 15.98
N TRP A 58 -4.88 -14.11 15.51
CA TRP A 58 -5.46 -12.77 15.56
C TRP A 58 -6.67 -12.70 14.64
N LYS A 59 -7.69 -11.96 15.07
CA LYS A 59 -8.93 -11.94 14.31
C LYS A 59 -8.83 -11.03 13.09
N GLY A 60 -8.25 -9.84 13.26
CA GLY A 60 -8.02 -8.95 12.15
C GLY A 60 -6.58 -8.46 12.15
N VAL A 61 -6.16 -7.97 10.98
CA VAL A 61 -4.79 -7.50 10.76
C VAL A 61 -4.88 -6.10 10.18
N LEU A 62 -4.25 -5.14 10.87
CA LEU A 62 -4.25 -3.75 10.45
C LEU A 62 -2.81 -3.29 10.29
N MET A 63 -2.46 -2.81 9.10
CA MET A 63 -1.14 -2.23 8.86
C MET A 63 -1.23 -0.71 9.03
N VAL A 64 -0.46 -0.17 9.96
CA VAL A 64 -0.47 1.26 10.23
C VAL A 64 0.89 1.84 9.88
N GLY A 65 0.92 3.16 9.64
CA GLY A 65 2.15 3.84 9.37
C GLY A 65 2.00 4.99 8.40
N PRO A 66 3.08 5.73 8.16
CA PRO A 66 3.04 6.87 7.25
C PRO A 66 2.77 6.42 5.82
N PRO A 67 2.31 7.33 4.96
CA PRO A 67 2.00 6.93 3.58
C PRO A 67 3.25 6.69 2.75
N GLY A 68 3.07 5.90 1.70
CA GLY A 68 4.14 5.64 0.75
C GLY A 68 5.19 4.66 1.22
N THR A 69 4.85 3.76 2.12
CA THR A 69 5.80 2.78 2.64
C THR A 69 5.66 1.40 2.03
N GLY A 70 4.64 1.18 1.20
CA GLY A 70 4.45 -0.09 0.54
C GLY A 70 3.48 -1.04 1.21
N LYS A 71 2.46 -0.52 1.90
CA LYS A 71 1.47 -1.39 2.53
C LYS A 71 0.74 -2.23 1.49
N THR A 72 0.52 -1.68 0.29
CA THR A 72 -0.16 -2.45 -0.75
C THR A 72 0.73 -3.56 -1.29
N MET A 73 2.05 -3.30 -1.42
CA MET A 73 2.95 -4.34 -1.87
C MET A 73 3.03 -5.48 -0.87
N LEU A 74 3.04 -5.16 0.42
CA LEU A 74 3.05 -6.20 1.45
C LEU A 74 1.77 -7.04 1.40
N ALA A 75 0.62 -6.38 1.19
CA ALA A 75 -0.64 -7.11 1.11
C ALA A 75 -0.67 -8.03 -0.10
N LYS A 76 -0.12 -7.56 -1.23
CA LYS A 76 -0.01 -8.43 -2.40
C LYS A 76 0.94 -9.59 -2.13
N ALA A 77 1.99 -9.36 -1.34
CA ALA A 77 2.93 -10.44 -1.04
C ALA A 77 2.28 -11.53 -0.18
N VAL A 78 1.38 -11.14 0.72
CA VAL A 78 0.64 -12.13 1.50
C VAL A 78 -0.24 -12.98 0.58
N ALA A 79 -0.90 -12.33 -0.38
CA ALA A 79 -1.75 -13.06 -1.32
C ALA A 79 -0.93 -13.98 -2.21
N THR A 80 0.25 -13.53 -2.63
CA THR A 80 1.09 -14.35 -3.50
C THR A 80 1.60 -15.58 -2.76
N GLU A 81 2.02 -15.43 -1.51
CA GLU A 81 2.46 -16.57 -0.73
C GLU A 81 1.30 -17.53 -0.45
N CYS A 82 0.18 -17.00 0.03
CA CYS A 82 -0.95 -17.87 0.36
C CYS A 82 -1.71 -18.36 -0.87
N GLY A 83 -1.36 -17.88 -2.06
CA GLY A 83 -2.02 -18.30 -3.29
C GLY A 83 -3.49 -17.96 -3.30
N THR A 84 -3.83 -16.71 -3.01
CA THR A 84 -5.21 -16.28 -2.91
C THR A 84 -5.53 -15.23 -3.96
N THR A 85 -6.82 -15.04 -4.20
CA THR A 85 -7.29 -13.91 -5.00
C THR A 85 -7.13 -12.62 -4.20
N PHE A 86 -6.64 -11.57 -4.86
CA PHE A 86 -6.33 -10.31 -4.20
C PHE A 86 -7.33 -9.25 -4.64
N PHE A 87 -8.07 -8.69 -3.68
CA PHE A 87 -8.95 -7.56 -3.90
C PHE A 87 -8.32 -6.32 -3.28
N ASN A 88 -8.23 -5.25 -4.07
CA ASN A 88 -7.69 -3.97 -3.61
C ASN A 88 -8.87 -3.02 -3.45
N VAL A 89 -9.36 -2.89 -2.22
CA VAL A 89 -10.57 -2.13 -1.91
C VAL A 89 -10.15 -0.78 -1.35
N SER A 90 -10.46 0.28 -2.08
CA SER A 90 -10.24 1.64 -1.62
C SER A 90 -11.49 2.12 -0.90
N SER A 91 -11.42 2.23 0.43
CA SER A 91 -12.61 2.55 1.22
C SER A 91 -13.07 3.98 0.96
N SER A 92 -12.12 4.89 0.74
CA SER A 92 -12.49 6.31 0.58
C SER A 92 -13.28 6.56 -0.69
N THR A 93 -13.01 5.81 -1.75
CA THR A 93 -13.73 5.99 -3.00
C THR A 93 -14.94 5.08 -3.12
N LEU A 94 -14.96 3.96 -2.39
CA LEU A 94 -16.11 3.07 -2.44
C LEU A 94 -17.34 3.71 -1.78
N THR A 95 -17.12 4.53 -0.75
CA THR A 95 -18.23 5.21 -0.11
C THR A 95 -18.87 6.24 -1.05
N SER A 96 -18.04 6.94 -1.84
CA SER A 96 -18.57 7.97 -2.73
C SER A 96 -19.49 7.37 -3.78
N LYS A 97 -19.01 6.35 -4.50
CA LYS A 97 -19.80 5.69 -5.54
C LYS A 97 -21.01 4.97 -4.95
N SER A 102 -22.57 1.70 -0.87
CA SER A 102 -23.47 1.52 0.27
C SER A 102 -23.26 0.17 0.93
N GLU A 103 -24.30 -0.30 1.63
CA GLU A 103 -24.22 -1.58 2.32
C GLU A 103 -24.25 -2.75 1.35
N LYS A 104 -24.92 -2.60 0.20
CA LYS A 104 -24.98 -3.69 -0.77
C LYS A 104 -23.61 -3.97 -1.37
N LEU A 105 -22.83 -2.92 -1.63
CA LEU A 105 -21.48 -3.13 -2.18
C LEU A 105 -20.61 -3.92 -1.21
N VAL A 106 -20.78 -3.68 0.09
CA VAL A 106 -19.97 -4.37 1.08
C VAL A 106 -20.32 -5.86 1.10
N ARG A 107 -21.61 -6.18 1.01
CA ARG A 107 -22.01 -7.59 1.00
C ARG A 107 -21.62 -8.26 -0.32
N LEU A 108 -21.81 -7.57 -1.45
CA LEU A 108 -21.39 -8.12 -2.73
C LEU A 108 -19.89 -8.37 -2.76
N LEU A 109 -19.12 -7.49 -2.13
CA LEU A 109 -17.67 -7.66 -2.09
C LEU A 109 -17.29 -8.97 -1.39
N PHE A 110 -17.81 -9.18 -0.19
CA PHE A 110 -17.50 -10.41 0.54
C PHE A 110 -18.16 -11.62 -0.10
N GLU A 111 -19.27 -11.43 -0.82
CA GLU A 111 -19.87 -12.53 -1.56
C GLU A 111 -18.96 -12.94 -2.72
N MET A 112 -18.34 -11.97 -3.39
CA MET A 112 -17.35 -12.27 -4.41
C MET A 112 -16.13 -12.95 -3.80
N ALA A 113 -15.66 -12.45 -2.66
CA ALA A 113 -14.49 -13.05 -2.03
C ALA A 113 -14.74 -14.50 -1.67
N ARG A 114 -15.94 -14.80 -1.16
CA ARG A 114 -16.26 -16.20 -0.87
C ARG A 114 -16.39 -17.01 -2.15
N PHE A 115 -16.86 -16.39 -3.23
CA PHE A 115 -16.99 -17.11 -4.50
C PHE A 115 -15.62 -17.52 -5.04
N TYR A 116 -14.62 -16.65 -4.92
CA TYR A 116 -13.27 -16.98 -5.34
C TYR A 116 -12.53 -17.57 -4.14
N ALA A 117 -13.07 -18.70 -3.68
CA ALA A 117 -12.85 -19.40 -2.40
C ALA A 117 -11.67 -18.86 -1.60
N PRO A 118 -10.37 -18.99 -2.04
CA PRO A 118 -9.28 -18.39 -1.27
C PRO A 118 -9.00 -16.95 -1.72
N THR A 119 -9.37 -15.98 -0.89
CA THR A 119 -9.33 -14.57 -1.27
C THR A 119 -8.74 -13.73 -0.15
N THR A 120 -7.93 -12.74 -0.52
CA THR A 120 -7.39 -11.77 0.42
C THR A 120 -7.99 -10.40 0.09
N ILE A 121 -8.76 -9.85 1.01
CA ILE A 121 -9.39 -8.54 0.85
C ILE A 121 -8.50 -7.51 1.52
N PHE A 122 -7.92 -6.62 0.72
CA PHE A 122 -7.12 -5.50 1.22
C PHE A 122 -7.99 -4.27 1.24
N ILE A 123 -8.31 -3.78 2.44
CA ILE A 123 -9.17 -2.63 2.63
C ILE A 123 -8.27 -1.45 2.98
N ASP A 124 -7.97 -0.63 1.97
CA ASP A 124 -7.03 0.48 2.12
C ASP A 124 -7.74 1.72 2.63
N GLN A 125 -7.01 2.51 3.42
CA GLN A 125 -7.52 3.75 4.01
C GLN A 125 -8.82 3.51 4.77
N ILE A 126 -8.81 2.47 5.61
CA ILE A 126 -10.02 2.07 6.31
C ILE A 126 -10.46 3.11 7.33
N ASP A 127 -9.60 4.06 7.69
CA ASP A 127 -9.98 5.11 8.61
C ASP A 127 -11.00 6.07 8.01
N SER A 128 -11.13 6.11 6.68
CA SER A 128 -12.08 7.01 6.04
C SER A 128 -13.52 6.59 6.26
N ILE A 129 -13.77 5.33 6.63
CA ILE A 129 -15.12 4.89 6.94
C ILE A 129 -15.63 5.54 8.21
N CYS A 130 -14.72 5.97 9.09
CA CYS A 130 -15.08 6.66 10.32
C CYS A 130 -14.92 8.17 10.22
N SER A 131 -15.13 8.73 9.03
CA SER A 131 -14.94 10.17 8.85
C SER A 131 -16.08 10.94 9.51
N ARG A 132 -15.72 11.98 10.25
CA ARG A 132 -16.69 12.82 10.94
C ARG A 132 -17.58 13.57 9.96
N THR A 135 -21.45 15.41 3.81
CA THR A 135 -22.69 15.98 4.34
C THR A 135 -23.42 14.97 5.22
N SER A 136 -24.73 15.15 5.38
CA SER A 136 -25.50 14.23 6.21
C SER A 136 -25.65 12.88 5.53
N ASP A 137 -25.79 12.86 4.20
CA ASP A 137 -25.89 11.58 3.49
C ASP A 137 -24.60 10.78 3.60
N GLU A 138 -23.46 11.46 3.57
CA GLU A 138 -22.18 10.76 3.69
C GLU A 138 -22.06 10.10 5.06
N HIS A 139 -22.48 10.79 6.11
CA HIS A 139 -22.42 10.20 7.45
C HIS A 139 -23.31 8.98 7.57
N GLU A 140 -24.41 8.93 6.79
CA GLU A 140 -25.30 7.78 6.83
C GLU A 140 -24.78 6.65 5.95
N ALA A 141 -24.27 6.98 4.76
CA ALA A 141 -23.71 5.96 3.89
C ALA A 141 -22.45 5.33 4.50
N SER A 142 -21.57 6.16 5.08
CA SER A 142 -20.40 5.62 5.76
C SER A 142 -20.80 4.81 6.99
N ARG A 143 -21.90 5.18 7.65
CA ARG A 143 -22.37 4.42 8.80
C ARG A 143 -22.90 3.05 8.36
N ARG A 144 -23.64 3.01 7.25
CA ARG A 144 -24.12 1.73 6.72
C ARG A 144 -22.95 0.87 6.26
N VAL A 145 -21.97 1.47 5.59
CA VAL A 145 -20.82 0.72 5.12
C VAL A 145 -20.03 0.15 6.30
N LYS A 146 -19.96 0.89 7.40
CA LYS A 146 -19.24 0.42 8.57
C LYS A 146 -19.98 -0.72 9.26
N SER A 147 -21.31 -0.62 9.33
CA SER A 147 -22.09 -1.65 9.99
C SER A 147 -22.00 -2.98 9.24
N GLU A 148 -22.15 -2.94 7.91
CA GLU A 148 -22.05 -4.15 7.12
C GLU A 148 -20.62 -4.70 7.11
N LEU A 149 -19.62 -3.81 7.22
CA LEU A 149 -18.23 -4.27 7.28
C LEU A 149 -17.96 -5.04 8.57
N LEU A 150 -18.43 -4.53 9.70
CA LEU A 150 -18.26 -5.25 10.96
C LEU A 150 -18.96 -6.62 10.91
N ILE A 151 -20.12 -6.68 10.26
CA ILE A 151 -20.82 -7.95 10.13
C ILE A 151 -20.00 -8.94 9.32
N GLN A 152 -19.47 -8.49 8.19
CA GLN A 152 -18.68 -9.38 7.34
C GLN A 152 -17.38 -9.77 8.00
N MET A 153 -16.73 -8.83 8.69
CA MET A 153 -15.48 -9.15 9.38
C MET A 153 -15.70 -10.06 10.58
N ASP A 154 -16.85 -9.96 11.23
CA ASP A 154 -17.15 -10.89 12.32
C ASP A 154 -17.37 -12.32 11.82
N GLY A 155 -17.69 -12.48 10.54
CA GLY A 155 -17.94 -13.80 10.00
C GLY A 155 -16.69 -14.50 9.51
N VAL A 156 -15.75 -13.74 8.95
CA VAL A 156 -14.52 -14.32 8.44
C VAL A 156 -13.69 -14.87 9.59
N PRO A 165 -10.19 -25.00 4.30
CA PRO A 165 -8.97 -25.43 3.62
C PRO A 165 -8.68 -24.59 2.38
N SER A 166 -9.55 -24.66 1.38
CA SER A 166 -9.46 -23.86 0.18
C SER A 166 -10.42 -22.68 0.16
N LYS A 167 -11.46 -22.70 0.98
CA LYS A 167 -12.44 -21.61 1.02
C LYS A 167 -12.18 -20.69 2.21
N MET A 168 -11.02 -20.05 2.17
CA MET A 168 -10.57 -19.13 3.21
C MET A 168 -10.61 -17.69 2.70
N VAL A 169 -11.14 -16.79 3.52
CA VAL A 169 -11.21 -15.37 3.20
C VAL A 169 -10.58 -14.61 4.36
N MET A 170 -9.41 -14.01 4.12
CA MET A 170 -8.73 -13.19 5.10
C MET A 170 -8.90 -11.72 4.75
N VAL A 171 -8.96 -10.88 5.78
CA VAL A 171 -9.17 -9.45 5.62
C VAL A 171 -7.94 -8.72 6.14
N LEU A 172 -7.31 -7.95 5.26
CA LEU A 172 -6.20 -7.09 5.63
C LEU A 172 -6.60 -5.64 5.44
N ALA A 173 -6.23 -4.80 6.40
CA ALA A 173 -6.55 -3.38 6.35
C ALA A 173 -5.26 -2.56 6.49
N ALA A 174 -5.33 -1.31 6.03
CA ALA A 174 -4.21 -0.39 6.12
C ALA A 174 -4.74 1.00 6.41
N THR A 175 -3.92 1.80 7.10
CA THR A 175 -4.32 3.17 7.43
C THR A 175 -3.08 4.01 7.67
N ASN A 176 -3.17 5.27 7.26
CA ASN A 176 -2.15 6.26 7.59
C ASN A 176 -2.51 7.07 8.82
N PHE A 177 -3.72 6.90 9.34
CA PHE A 177 -4.20 7.64 10.51
C PHE A 177 -4.94 6.67 11.40
N PRO A 178 -4.22 5.84 12.16
CA PRO A 178 -4.89 4.83 13.00
C PRO A 178 -5.73 5.44 14.10
N TRP A 179 -5.43 6.66 14.52
CA TRP A 179 -6.20 7.32 15.58
C TRP A 179 -7.60 7.71 15.13
N ASP A 180 -7.90 7.63 13.84
CA ASP A 180 -9.22 7.95 13.32
C ASP A 180 -10.11 6.71 13.19
N ILE A 181 -9.64 5.55 13.62
CA ILE A 181 -10.40 4.31 13.51
C ILE A 181 -11.23 4.14 14.78
N ASP A 182 -12.52 3.88 14.60
CA ASP A 182 -13.45 3.75 15.72
C ASP A 182 -13.07 2.56 16.60
N GLU A 183 -13.65 2.51 17.80
CA GLU A 183 -13.36 1.42 18.72
C GLU A 183 -14.00 0.12 18.23
N ALA A 184 -15.19 0.19 17.64
CA ALA A 184 -15.83 -1.01 17.12
C ALA A 184 -15.06 -1.59 15.93
N LEU A 185 -14.48 -0.73 15.10
CA LEU A 185 -13.69 -1.21 13.97
C LEU A 185 -12.31 -1.66 14.40
N ARG A 186 -11.72 -0.96 15.37
CA ARG A 186 -10.42 -1.38 15.91
C ARG A 186 -10.52 -2.74 16.57
N ARG A 187 -11.70 -3.08 17.11
CA ARG A 187 -11.88 -4.37 17.79
C ARG A 187 -11.88 -5.55 16.82
N ARG A 188 -12.19 -5.31 15.55
CA ARG A 188 -12.12 -6.35 14.53
C ARG A 188 -10.75 -6.39 13.84
N LEU A 189 -9.78 -5.62 14.33
CA LEU A 189 -8.43 -5.58 13.78
C LEU A 189 -7.45 -5.77 14.94
N GLU A 190 -7.36 -7.01 15.43
CA GLU A 190 -6.57 -7.29 16.63
C GLU A 190 -5.09 -7.09 16.38
N LYS A 191 -4.57 -7.59 15.27
CA LYS A 191 -3.15 -7.52 14.96
C LYS A 191 -2.84 -6.20 14.27
N ARG A 192 -2.06 -5.34 14.94
CA ARG A 192 -1.61 -4.08 14.37
C ARG A 192 -0.11 -4.15 14.12
N ILE A 193 0.30 -3.83 12.90
CA ILE A 193 1.69 -3.93 12.47
C ILE A 193 2.09 -2.59 11.86
N TYR A 194 3.16 -1.99 12.41
CA TYR A 194 3.68 -0.73 11.89
C TYR A 194 4.62 -0.98 10.72
N ILE A 195 4.46 -0.18 9.67
CA ILE A 195 5.28 -0.25 8.47
C ILE A 195 6.21 0.96 8.47
N PRO A 196 7.51 0.78 8.68
CA PRO A 196 8.40 1.92 8.88
C PRO A 196 8.85 2.56 7.57
N LEU A 197 9.31 3.80 7.69
CA LEU A 197 10.02 4.46 6.62
C LEU A 197 11.37 3.77 6.40
N PRO A 198 11.95 3.91 5.21
CA PRO A 198 13.29 3.32 5.00
C PRO A 198 14.34 3.97 5.89
N THR A 199 15.27 3.15 6.37
CA THR A 199 16.38 3.65 7.19
C THR A 199 17.44 4.27 6.29
N ALA A 200 18.57 4.66 6.88
CA ALA A 200 19.64 5.26 6.08
C ALA A 200 20.16 4.27 5.05
N LYS A 201 20.34 3.01 5.46
CA LYS A 201 20.76 1.96 4.53
C LYS A 201 19.65 1.64 3.54
N GLY A 202 18.39 1.72 3.98
CA GLY A 202 17.29 1.31 3.11
C GLY A 202 17.02 2.28 1.98
N ARG A 203 17.25 3.57 2.23
CA ARG A 203 17.06 4.60 1.20
C ARG A 203 18.10 4.51 0.08
N ALA A 204 19.25 3.90 0.35
CA ALA A 204 20.28 3.78 -0.69
C ALA A 204 19.90 2.74 -1.74
N GLU A 205 19.36 1.60 -1.31
CA GLU A 205 18.99 0.56 -2.27
C GLU A 205 17.72 0.94 -3.03
N LEU A 206 16.82 1.69 -2.41
CA LEU A 206 15.65 2.18 -3.13
C LEU A 206 16.04 3.16 -4.22
N LEU A 207 17.09 3.94 -4.00
CA LEU A 207 17.55 4.86 -5.03
C LEU A 207 18.06 4.11 -6.25
N LYS A 208 18.92 3.10 -6.03
CA LYS A 208 19.54 2.40 -7.15
C LYS A 208 18.51 1.58 -7.93
N ILE A 209 17.53 1.01 -7.22
CA ILE A 209 16.46 0.28 -7.91
C ILE A 209 15.62 1.23 -8.75
N ASN A 210 15.32 2.41 -8.21
CA ASN A 210 14.59 3.41 -8.99
C ASN A 210 15.42 4.00 -10.12
N LEU A 211 16.75 3.88 -10.05
CA LEU A 211 17.62 4.43 -11.08
C LEU A 211 18.31 3.32 -11.86
N ARG A 212 17.53 2.34 -12.30
CA ARG A 212 18.05 1.21 -13.06
C ARG A 212 17.90 1.39 -14.57
N GLU A 213 17.12 2.37 -15.00
CA GLU A 213 16.85 2.61 -16.42
C GLU A 213 17.27 4.01 -16.86
N VAL A 214 18.08 4.69 -16.06
CA VAL A 214 18.52 6.04 -16.38
C VAL A 214 20.01 6.16 -16.07
N GLU A 215 20.76 6.76 -17.00
CA GLU A 215 22.16 7.03 -16.78
C GLU A 215 22.32 8.21 -15.82
N LEU A 216 23.36 8.15 -15.00
CA LEU A 216 23.65 9.20 -14.03
C LEU A 216 25.03 9.78 -14.32
N ASP A 217 25.12 11.11 -14.28
CA ASP A 217 26.42 11.75 -14.42
C ASP A 217 27.34 11.31 -13.28
N PRO A 218 28.64 11.19 -13.54
CA PRO A 218 29.54 10.68 -12.49
C PRO A 218 29.64 11.59 -11.28
N ASP A 219 29.42 12.89 -11.44
CA ASP A 219 29.52 13.81 -10.31
C ASP A 219 28.37 13.65 -9.32
N ILE A 220 27.28 13.00 -9.74
CA ILE A 220 26.17 12.73 -8.83
C ILE A 220 26.65 11.78 -7.75
N GLN A 221 26.38 12.12 -6.50
CA GLN A 221 26.78 11.32 -5.34
C GLN A 221 25.52 10.67 -4.77
N LEU A 222 25.32 9.39 -5.09
CA LEU A 222 24.13 8.69 -4.62
C LEU A 222 24.13 8.54 -3.11
N GLU A 223 25.31 8.30 -2.52
CA GLU A 223 25.38 8.09 -1.08
C GLU A 223 25.06 9.36 -0.31
N ASP A 224 25.49 10.51 -0.84
CA ASP A 224 25.11 11.79 -0.26
C ASP A 224 23.61 12.02 -0.35
N ILE A 225 23.00 11.56 -1.45
CA ILE A 225 21.54 11.69 -1.60
C ILE A 225 20.82 10.80 -0.59
N ALA A 226 21.27 9.55 -0.43
CA ALA A 226 20.58 8.62 0.45
C ALA A 226 20.55 9.11 1.90
N GLU A 227 21.53 9.91 2.30
CA GLU A 227 21.58 10.54 3.62
C GLU A 227 20.70 11.78 3.70
N LYS A 228 20.70 12.60 2.65
CA LYS A 228 19.90 13.83 2.66
C LYS A 228 18.41 13.52 2.66
N ILE A 229 18.01 12.39 2.06
CA ILE A 229 16.60 12.06 1.89
C ILE A 229 16.06 11.35 3.13
N GLU A 230 16.67 11.62 4.29
CA GLU A 230 16.22 10.96 5.51
C GLU A 230 14.81 11.41 5.85
N GLY A 231 13.95 10.44 6.15
CA GLY A 231 12.54 10.69 6.35
C GLY A 231 11.68 10.48 5.13
N TYR A 232 12.28 10.44 3.94
CA TYR A 232 11.50 10.19 2.73
C TYR A 232 10.93 8.79 2.75
N SER A 233 9.70 8.65 2.25
CA SER A 233 9.10 7.34 2.08
C SER A 233 9.60 6.71 0.78
N GLY A 234 9.20 5.46 0.55
CA GLY A 234 9.52 4.81 -0.71
C GLY A 234 8.89 5.50 -1.90
N ALA A 235 7.67 6.03 -1.72
CA ALA A 235 7.03 6.79 -2.79
C ALA A 235 7.71 8.14 -3.01
N ASP A 236 8.26 8.74 -1.95
CA ASP A 236 8.97 10.00 -2.11
C ASP A 236 10.24 9.81 -2.93
N ILE A 237 11.03 8.78 -2.60
CA ILE A 237 12.25 8.49 -3.34
C ILE A 237 11.92 8.19 -4.80
N THR A 238 10.83 7.45 -5.04
CA THR A 238 10.43 7.16 -6.42
C THR A 238 10.07 8.43 -7.16
N ASN A 239 9.34 9.34 -6.52
CA ASN A 239 8.94 10.56 -7.20
C ASN A 239 10.11 11.51 -7.43
N VAL A 240 11.11 11.49 -6.53
CA VAL A 240 12.32 12.28 -6.77
C VAL A 240 13.09 11.72 -7.97
N CYS A 241 13.17 10.40 -8.07
CA CYS A 241 13.88 9.79 -9.21
C CYS A 241 13.08 9.96 -10.50
N ARG A 242 11.75 9.89 -10.43
CA ARG A 242 10.95 10.11 -11.63
C ARG A 242 10.95 11.58 -12.04
N ASP A 243 11.02 12.50 -11.07
CA ASP A 243 11.03 13.92 -11.41
C ASP A 243 12.35 14.32 -12.06
N ALA A 244 13.47 13.87 -11.47
CA ALA A 244 14.78 14.18 -12.04
C ALA A 244 14.95 13.55 -13.41
N SER A 245 14.40 12.36 -13.62
CA SER A 245 14.46 11.73 -14.93
C SER A 245 13.54 12.43 -15.92
N LEU A 246 12.40 12.94 -15.45
CA LEU A 246 11.51 13.69 -16.33
C LEU A 246 12.18 14.98 -16.82
N MET A 247 12.84 15.71 -15.92
CA MET A 247 13.50 16.94 -16.32
C MET A 247 14.63 16.67 -17.31
N ALA A 248 15.40 15.61 -17.09
CA ALA A 248 16.47 15.29 -18.03
C ALA A 248 15.90 14.89 -19.39
N MET A 249 14.75 14.20 -19.38
CA MET A 249 14.13 13.79 -20.63
C MET A 249 13.53 15.00 -21.36
N ARG A 250 13.02 15.98 -20.60
CA ARG A 250 12.37 17.13 -21.21
C ARG A 250 13.37 18.06 -21.89
N ARG A 251 14.60 18.13 -21.38
CA ARG A 251 15.61 18.98 -22.03
C ARG A 251 15.90 18.53 -23.46
N ARG A 252 15.79 17.23 -23.72
CA ARG A 252 15.97 16.73 -25.08
C ARG A 252 14.72 16.97 -25.93
N ILE A 253 13.54 16.73 -25.36
CA ILE A 253 12.30 16.81 -26.12
C ILE A 253 12.03 18.26 -26.55
N ASN A 254 12.30 19.21 -25.66
CA ASN A 254 11.91 20.60 -25.91
C ASN A 254 12.61 21.17 -27.16
N GLY A 255 13.87 20.78 -27.39
CA GLY A 255 14.57 21.27 -28.56
C GLY A 255 14.27 20.54 -29.85
N LEU A 256 13.53 19.44 -29.79
CA LEU A 256 13.24 18.62 -30.95
C LEU A 256 11.94 19.06 -31.62
N SER A 257 11.85 18.77 -32.92
CA SER A 257 10.62 18.98 -33.68
C SER A 257 9.74 17.74 -33.58
N PRO A 258 8.44 17.87 -33.85
CA PRO A 258 7.56 16.69 -33.78
C PRO A 258 8.02 15.54 -34.66
N GLU A 259 8.50 15.84 -35.87
CA GLU A 259 9.02 14.78 -36.75
C GLU A 259 10.15 14.03 -36.08
N GLU A 260 11.07 14.74 -35.43
CA GLU A 260 12.18 14.10 -34.76
C GLU A 260 11.71 13.31 -33.54
N ILE A 261 10.76 13.86 -32.78
CA ILE A 261 10.25 13.18 -31.59
C ILE A 261 9.59 11.87 -31.97
N ARG A 262 8.83 11.86 -33.07
CA ARG A 262 8.18 10.63 -33.51
C ARG A 262 9.20 9.58 -33.93
N ALA A 263 10.32 10.01 -34.51
CA ALA A 263 11.29 9.07 -35.05
C ALA A 263 12.18 8.48 -33.99
N LEU A 264 12.45 9.21 -32.91
CA LEU A 264 13.36 8.73 -31.88
C LEU A 264 12.68 7.70 -30.99
N SER A 265 13.49 6.76 -30.50
CA SER A 265 12.99 5.68 -29.67
C SER A 265 13.03 6.07 -28.19
N LYS A 266 12.53 5.17 -27.35
CA LYS A 266 12.55 5.39 -25.90
C LYS A 266 13.97 5.64 -25.41
N GLU A 267 14.92 4.85 -25.89
CA GLU A 267 16.28 4.90 -25.35
C GLU A 267 17.00 6.18 -25.75
N GLU A 268 16.74 6.68 -26.94
CA GLU A 268 17.41 7.87 -27.43
C GLU A 268 16.87 9.16 -26.82
N LEU A 269 15.62 9.15 -26.33
CA LEU A 269 15.02 10.39 -25.83
C LEU A 269 15.44 10.72 -24.41
N GLN A 270 15.80 9.72 -23.62
CA GLN A 270 16.18 9.96 -22.22
C GLN A 270 17.65 10.35 -22.15
N MET A 271 17.90 11.60 -21.73
CA MET A 271 19.26 12.04 -21.48
C MET A 271 19.72 11.56 -20.11
N PRO A 272 21.03 11.58 -19.84
CA PRO A 272 21.50 11.26 -18.49
C PRO A 272 21.03 12.30 -17.48
N VAL A 273 20.78 11.83 -16.27
CA VAL A 273 20.34 12.72 -15.20
C VAL A 273 21.55 13.42 -14.60
N THR A 274 21.41 14.71 -14.33
CA THR A 274 22.50 15.53 -13.84
C THR A 274 22.34 15.81 -12.34
N LYS A 275 23.42 16.29 -11.72
CA LYS A 275 23.36 16.66 -10.31
C LYS A 275 22.39 17.81 -10.10
N GLY A 276 22.30 18.74 -11.05
CA GLY A 276 21.32 19.80 -10.95
C GLY A 276 19.89 19.29 -10.99
N ASP A 277 19.65 18.22 -11.75
CA ASP A 277 18.31 17.63 -11.79
C ASP A 277 17.94 17.05 -10.43
N PHE A 278 18.85 16.29 -9.82
CA PHE A 278 18.59 15.74 -8.49
C PHE A 278 18.50 16.85 -7.45
N GLU A 279 19.37 17.86 -7.54
CA GLU A 279 19.28 18.99 -6.63
C GLU A 279 17.94 19.71 -6.77
N LEU A 280 17.48 19.89 -8.00
CA LEU A 280 16.19 20.56 -8.20
C LEU A 280 15.03 19.70 -7.75
N ALA A 281 15.08 18.39 -8.07
CA ALA A 281 13.98 17.50 -7.67
C ALA A 281 13.91 17.37 -6.16
N LEU A 282 15.05 17.27 -5.48
CA LEU A 282 15.05 17.18 -4.03
C LEU A 282 14.57 18.47 -3.37
N LYS A 283 14.88 19.62 -3.96
CA LYS A 283 14.42 20.89 -3.41
C LYS A 283 12.93 21.12 -3.68
N LYS A 284 12.36 20.40 -4.65
CA LYS A 284 10.94 20.51 -4.95
C LYS A 284 10.10 19.45 -4.24
N ILE A 285 10.73 18.39 -3.74
CA ILE A 285 10.01 17.28 -3.12
C ILE A 285 10.58 17.09 -1.71
N ALA A 286 9.86 17.56 -0.71
CA ALA A 286 10.25 17.31 0.66
C ALA A 286 9.59 16.03 1.17
N LYS A 287 10.08 15.55 2.32
CA LYS A 287 9.46 14.38 2.94
C LYS A 287 8.03 14.71 3.36
N SER A 288 7.15 13.73 3.17
CA SER A 288 5.73 13.89 3.50
C SER A 288 5.44 13.59 4.97
N VAL A 289 6.44 13.19 5.74
CA VAL A 289 6.27 12.80 7.14
C VAL A 289 7.23 13.60 7.99
N SER A 290 6.71 14.26 9.02
CA SER A 290 7.53 15.04 9.93
C SER A 290 7.90 14.21 11.15
N ALA A 291 8.85 14.72 11.94
CA ALA A 291 9.24 14.02 13.16
C ALA A 291 8.07 13.99 14.15
N ALA A 292 7.25 15.04 14.15
CA ALA A 292 6.06 15.04 14.99
C ALA A 292 5.07 13.97 14.55
N ASP A 293 5.00 13.71 13.23
CA ASP A 293 4.11 12.66 12.74
C ASP A 293 4.55 11.30 13.26
N LEU A 294 5.86 11.01 13.19
CA LEU A 294 6.36 9.73 13.68
C LEU A 294 6.14 9.58 15.18
N GLU A 295 6.16 10.69 15.92
CA GLU A 295 5.86 10.63 17.35
C GLU A 295 4.45 10.14 17.60
N LYS A 296 3.50 10.55 16.75
CA LYS A 296 2.12 10.10 16.92
C LYS A 296 1.99 8.60 16.65
N TYR A 297 2.68 8.11 15.62
CA TYR A 297 2.63 6.68 15.33
C TYR A 297 3.23 5.86 16.47
N GLU A 298 4.37 6.32 17.00
CA GLU A 298 5.01 5.61 18.10
C GLU A 298 4.09 5.54 19.31
N LYS A 299 3.50 6.68 19.69
CA LYS A 299 2.61 6.72 20.83
C LYS A 299 1.39 5.82 20.62
N TRP A 300 0.84 5.82 19.41
CA TRP A 300 -0.30 4.96 19.13
C TRP A 300 0.09 3.48 19.15
N MET A 301 1.30 3.18 18.68
CA MET A 301 1.78 1.79 18.71
C MET A 301 2.03 1.33 20.14
N VAL A 302 2.45 2.23 21.03
CA VAL A 302 2.65 1.85 22.43
C VAL A 302 1.32 1.50 23.08
N GLU A 303 0.27 2.27 22.77
CA GLU A 303 -1.01 2.07 23.42
C GLU A 303 -1.80 0.92 22.79
N PHE A 304 -1.73 0.76 21.47
CA PHE A 304 -2.55 -0.21 20.77
C PHE A 304 -1.77 -1.31 20.06
N GLY A 305 -0.43 -1.30 20.13
CA GLY A 305 0.33 -2.32 19.43
C GLY A 305 -0.01 -3.71 19.92
N SER A 306 -0.17 -4.63 18.97
CA SER A 306 -0.59 -5.98 19.27
C SER A 306 0.59 -6.86 19.71
N ALA A 307 0.28 -7.85 20.53
CA ALA A 307 1.29 -8.78 21.03
C ALA A 307 1.81 -9.69 19.92
O1 PG4 B . 5.61 -17.84 19.59
C1 PG4 B . 4.56 -17.09 19.03
C2 PG4 B . 3.60 -16.74 20.16
O2 PG4 B . 2.49 -16.05 19.64
C3 PG4 B . 1.55 -16.86 18.98
C4 PG4 B . 0.44 -15.95 18.47
O3 PG4 B . -0.35 -15.54 19.55
C5 PG4 B . -1.48 -14.80 19.20
C6 PG4 B . -2.28 -14.50 20.45
O4 PG4 B . -3.38 -13.70 20.11
C7 PG4 B . -4.09 -13.22 21.21
C8 PG4 B . -5.22 -12.32 20.72
O5 PG4 B . -5.93 -11.89 21.85
#